data_2CIS
#
_entry.id   2CIS
#
_cell.length_a   43.000
_cell.length_b   156.300
_cell.length_c   104.000
_cell.angle_alpha   90.00
_cell.angle_beta   90.00
_cell.angle_gamma   90.00
#
_symmetry.space_group_name_H-M   'C 2 2 21'
#
loop_
_entity.id
_entity.type
_entity.pdbx_description
1 polymer 'GLUCOSE-6-PHOSPHATE 1-EPIMERASE'
2 non-polymer 6-O-phosphono-beta-D-tagatofuranose
3 non-polymer 'BARIUM ION'
4 water water
#
_entity_poly.entity_id   1
_entity_poly.type   'polypeptide(L)'
_entity_poly.pdbx_seq_one_letter_code
;MPIKETDKEVVLTHPADETTSVHILKYGATVYSWKLKSEEQLWLSTAAKLDGSKPVRGGIPLVFPVFGKNSTDEHLSKLP
QHGLARNSTWEFLGQTKENPPTVQFGLKPEIANPELTKLWPMDYLLILTVELGSDYLKTAIEVENTSSSKELKFNWLFHT
YFRIEDIEGTMVSNLAGMKLYDQLLKESYVDKHPVVTFNQETDVIYQNVSAERAIQIVDKGVQIHTLKRYNLPDTVVWNP
WIEKSQGMADFEPKTGYQQMICIEPGHVHDFISLAPGKKWNAYQLL(CSO)KEELKYQAIQ
;
_entity_poly.pdbx_strand_id   A
#
# COMPACT_ATOMS: atom_id res chain seq x y z
N PRO A 2 -16.84 -0.87 -16.88
CA PRO A 2 -16.68 0.48 -17.38
C PRO A 2 -15.65 1.27 -16.59
N ILE A 3 -15.17 2.34 -17.21
CA ILE A 3 -14.15 3.17 -16.61
C ILE A 3 -14.61 4.59 -16.72
N LYS A 4 -14.62 5.30 -15.59
CA LYS A 4 -15.11 6.66 -15.49
C LYS A 4 -14.07 7.57 -14.83
N GLU A 5 -13.71 8.65 -15.51
CA GLU A 5 -12.80 9.66 -14.97
C GLU A 5 -13.57 10.93 -14.60
N THR A 6 -13.25 11.48 -13.44
CA THR A 6 -13.72 12.79 -13.04
C THR A 6 -12.51 13.65 -12.66
N ASP A 7 -12.75 14.89 -12.25
CA ASP A 7 -11.69 15.82 -11.89
C ASP A 7 -10.71 15.24 -10.85
N LYS A 8 -11.25 14.49 -9.88
CA LYS A 8 -10.47 14.08 -8.71
C LYS A 8 -10.08 12.61 -8.70
N GLU A 9 -10.76 11.79 -9.49
CA GLU A 9 -10.62 10.35 -9.33
C GLU A 9 -10.97 9.53 -10.56
N VAL A 10 -10.65 8.24 -10.52
CA VAL A 10 -11.04 7.32 -11.58
C VAL A 10 -11.76 6.15 -10.93
N VAL A 11 -12.88 5.77 -11.51
CA VAL A 11 -13.68 4.69 -10.93
C VAL A 11 -13.86 3.57 -11.95
N LEU A 12 -13.44 2.37 -11.57
CA LEU A 12 -13.63 1.18 -12.41
C LEU A 12 -14.76 0.34 -11.87
N THR A 13 -15.58 -0.19 -12.77
CA THR A 13 -16.63 -1.13 -12.39
C THR A 13 -16.53 -2.36 -13.30
N HIS A 14 -16.69 -3.54 -12.73
CA HIS A 14 -16.48 -4.77 -13.53
C HIS A 14 -17.64 -5.01 -14.50
N PRO A 15 -17.33 -5.27 -15.78
CA PRO A 15 -18.43 -5.46 -16.74
C PRO A 15 -19.42 -6.58 -16.37
N ALA A 16 -18.94 -7.67 -15.74
CA ALA A 16 -19.80 -8.81 -15.41
C ALA A 16 -20.67 -8.55 -14.19
N ASP A 17 -20.25 -7.60 -13.35
CA ASP A 17 -21.01 -7.24 -12.15
C ASP A 17 -20.60 -5.85 -11.73
N GLU A 18 -21.44 -4.87 -12.03
CA GLU A 18 -21.09 -3.47 -11.80
C GLU A 18 -21.03 -3.09 -10.33
N THR A 19 -21.46 -3.99 -9.44
CA THR A 19 -21.32 -3.78 -7.99
C THR A 19 -19.92 -4.13 -7.49
N THR A 20 -19.09 -4.67 -8.36
CA THR A 20 -17.67 -4.82 -8.07
C THR A 20 -16.96 -3.62 -8.67
N SER A 21 -16.23 -2.87 -7.84
CA SER A 21 -15.70 -1.56 -8.23
C SER A 21 -14.40 -1.23 -7.50
N VAL A 22 -13.63 -0.29 -8.05
CA VAL A 22 -12.52 0.31 -7.31
C VAL A 22 -12.48 1.81 -7.61
N HIS A 23 -12.25 2.59 -6.57
CA HIS A 23 -12.13 4.06 -6.69
C HIS A 23 -10.67 4.43 -6.45
N ILE A 24 -10.09 5.16 -7.39
CA ILE A 24 -8.69 5.59 -7.28
C ILE A 24 -8.59 7.13 -7.29
N LEU A 25 -8.08 7.70 -6.21
CA LEU A 25 -7.92 9.16 -6.13
C LEU A 25 -6.67 9.52 -6.93
N LYS A 26 -6.74 10.57 -7.75
CA LYS A 26 -5.57 10.96 -8.52
C LYS A 26 -4.46 11.39 -7.56
N TYR A 27 -4.87 12.02 -6.47
CA TYR A 27 -3.92 12.35 -5.41
C TYR A 27 -3.35 11.08 -4.77
N GLY A 28 -2.04 10.91 -4.95
CA GLY A 28 -1.31 9.74 -4.47
C GLY A 28 -1.57 8.49 -5.30
N ALA A 29 -2.33 8.60 -6.39
CA ALA A 29 -2.90 7.41 -7.07
C ALA A 29 -3.39 6.44 -6.00
N THR A 30 -4.19 6.97 -5.07
CA THR A 30 -4.60 6.22 -3.88
C THR A 30 -5.92 5.50 -4.09
N VAL A 31 -5.85 4.16 -4.18
CA VAL A 31 -7.06 3.38 -4.10
C VAL A 31 -7.68 3.61 -2.72
N TYR A 32 -8.94 4.02 -2.68
CA TYR A 32 -9.56 4.26 -1.35
C TYR A 32 -10.81 3.44 -1.07
N SER A 33 -11.30 2.74 -2.08
CA SER A 33 -12.43 1.83 -1.94
C SER A 33 -12.26 0.72 -2.96
N TRP A 34 -12.48 -0.50 -2.54
CA TRP A 34 -12.57 -1.64 -3.44
C TRP A 34 -13.76 -2.44 -2.97
N LYS A 35 -14.80 -2.47 -3.79
CA LYS A 35 -15.99 -3.27 -3.46
C LYS A 35 -16.02 -4.54 -4.28
N LEU A 36 -16.27 -5.65 -3.59
CA LEU A 36 -16.41 -6.95 -4.23
C LEU A 36 -17.88 -7.36 -4.07
N LYS A 37 -18.60 -7.35 -5.19
CA LYS A 37 -20.06 -7.55 -5.16
C LYS A 37 -20.79 -6.73 -4.07
N SER A 38 -20.51 -5.43 -4.08
CA SER A 38 -21.05 -4.41 -3.15
C SER A 38 -20.39 -4.35 -1.77
N GLU A 39 -19.58 -5.34 -1.43
CA GLU A 39 -18.94 -5.38 -0.10
C GLU A 39 -17.56 -4.74 -0.08
N GLU A 40 -17.41 -3.73 0.78
CA GLU A 40 -16.14 -3.00 0.85
C GLU A 40 -15.03 -3.89 1.46
N GLN A 41 -13.88 -3.88 0.81
CA GLN A 41 -12.75 -4.73 1.19
C GLN A 41 -11.69 -3.96 1.95
N LEU A 42 -11.69 -2.64 1.80
CA LEU A 42 -10.64 -1.80 2.37
C LEU A 42 -11.19 -0.91 3.46
N TRP A 43 -10.37 -0.63 4.47
CA TRP A 43 -10.76 0.31 5.51
C TRP A 43 -10.37 1.74 5.17
N LEU A 44 -11.31 2.65 5.41
CA LEU A 44 -11.10 4.07 5.24
C LEU A 44 -11.65 4.81 6.44
N SER A 45 -10.81 5.66 7.02
CA SER A 45 -11.24 6.52 8.14
C SER A 45 -12.41 7.39 7.68
N THR A 46 -13.38 7.60 8.56
CA THR A 46 -14.49 8.51 8.25
C THR A 46 -14.02 9.96 8.23
N ALA A 47 -12.83 10.21 8.77
CA ALA A 47 -12.20 11.53 8.76
C ALA A 47 -11.02 11.62 7.79
N ALA A 48 -10.86 10.61 6.92
CA ALA A 48 -9.82 10.64 5.91
C ALA A 48 -10.02 11.85 5.00
N LYS A 49 -8.93 12.56 4.71
CA LYS A 49 -8.96 13.62 3.72
C LYS A 49 -8.88 12.99 2.33
N LEU A 50 -9.79 13.39 1.44
CA LEU A 50 -9.77 12.96 0.04
C LEU A 50 -9.55 14.17 -0.88
N ASP A 51 -9.17 15.28 -0.29
CA ASP A 51 -9.11 16.55 -1.02
C ASP A 51 -7.70 16.97 -1.42
N GLY A 52 -6.71 16.09 -1.19
CA GLY A 52 -5.32 16.40 -1.53
C GLY A 52 -4.56 17.25 -0.52
N SER A 53 -5.17 17.49 0.64
CA SER A 53 -4.52 18.33 1.66
C SER A 53 -3.48 17.58 2.48
N LYS A 54 -3.65 16.26 2.56
CA LYS A 54 -2.66 15.38 3.20
C LYS A 54 -2.91 13.93 2.73
N PRO A 55 -1.97 13.02 2.98
CA PRO A 55 -2.19 11.61 2.58
C PRO A 55 -3.46 11.00 3.16
N VAL A 56 -4.06 10.08 2.41
CA VAL A 56 -5.33 9.44 2.78
C VAL A 56 -5.16 8.47 3.95
N ARG A 57 -5.96 8.63 5.00
CA ARG A 57 -5.93 7.69 6.12
C ARG A 57 -6.81 6.50 5.82
N GLY A 58 -6.25 5.55 5.07
CA GLY A 58 -6.97 4.34 4.69
C GLY A 58 -6.70 3.95 3.25
N GLY A 59 -7.41 2.94 2.77
CA GLY A 59 -7.22 2.47 1.40
C GLY A 59 -5.85 1.86 1.16
N ILE A 60 -5.18 2.26 0.07
CA ILE A 60 -3.84 1.78 -0.25
C ILE A 60 -2.87 2.93 -0.56
N PRO A 61 -2.43 3.67 0.46
CA PRO A 61 -1.38 4.67 0.22
C PRO A 61 -0.10 4.04 -0.35
N LEU A 62 0.55 4.76 -1.27
CA LEU A 62 1.74 4.28 -1.94
C LEU A 62 2.96 4.88 -1.25
N VAL A 63 3.90 4.02 -0.92
CA VAL A 63 5.06 4.46 -0.13
C VAL A 63 6.34 4.38 -0.99
N PHE A 64 6.93 5.56 -1.24
CA PHE A 64 8.10 5.71 -2.11
C PHE A 64 8.58 7.16 -1.93
N PRO A 65 9.91 7.38 -1.93
CA PRO A 65 11.05 6.44 -2.07
C PRO A 65 11.63 5.90 -0.78
N VAL A 66 10.95 6.17 0.33
CA VAL A 66 11.42 5.72 1.63
C VAL A 66 10.27 5.26 2.50
N PHE A 67 10.44 4.09 3.08
CA PHE A 67 9.53 3.56 4.11
C PHE A 67 9.96 4.05 5.50
N GLY A 68 9.01 4.56 6.27
CA GLY A 68 9.28 5.09 7.58
C GLY A 68 10.08 6.36 7.47
N LYS A 69 10.81 6.69 8.54
CA LYS A 69 11.67 7.87 8.55
C LYS A 69 13.12 7.38 8.47
N ASN A 70 13.90 7.99 7.57
CA ASN A 70 15.29 7.62 7.40
C ASN A 70 16.18 8.62 8.13
N SER A 71 17.30 8.13 8.69
CA SER A 71 18.26 9.00 9.39
C SER A 71 19.71 8.70 9.02
N THR A 72 19.92 7.85 8.03
CA THR A 72 21.26 7.43 7.61
C THR A 72 21.69 7.95 6.24
N ASP A 73 20.72 8.34 5.41
CA ASP A 73 21.03 8.82 4.06
C ASP A 73 20.86 10.33 3.97
N GLU A 74 21.84 11.02 3.38
CA GLU A 74 21.81 12.47 3.23
C GLU A 74 20.50 13.00 2.64
N HIS A 75 20.01 12.33 1.60
CA HIS A 75 18.87 12.85 0.88
C HIS A 75 17.53 12.27 1.34
N LEU A 76 17.49 10.95 1.55
CA LEU A 76 16.23 10.32 1.96
C LEU A 76 15.80 10.77 3.36
N SER A 77 16.77 11.12 4.20
CA SER A 77 16.46 11.60 5.54
C SER A 77 15.72 12.95 5.57
N LYS A 78 15.73 13.66 4.44
CA LYS A 78 15.08 14.96 4.32
C LYS A 78 13.56 14.85 4.15
N LEU A 79 13.09 13.67 3.78
CA LEU A 79 11.69 13.49 3.46
C LEU A 79 10.87 13.13 4.69
N PRO A 80 9.56 13.45 4.66
CA PRO A 80 8.71 13.02 5.77
C PRO A 80 8.55 11.50 5.76
N GLN A 81 8.07 10.94 6.87
CA GLN A 81 7.77 9.52 6.93
C GLN A 81 7.01 9.05 5.69
N HIS A 82 7.47 7.93 5.11
CA HIS A 82 6.84 7.27 3.97
C HIS A 82 6.93 7.98 2.62
N GLY A 83 7.73 9.05 2.56
CA GLY A 83 8.15 9.62 1.25
C GLY A 83 7.20 10.62 0.61
N LEU A 84 7.12 10.61 -0.74
CA LEU A 84 6.43 11.67 -1.47
C LEU A 84 5.40 11.22 -2.50
N ALA A 85 5.31 9.91 -2.74
CA ALA A 85 4.34 9.41 -3.72
C ALA A 85 2.89 9.62 -3.28
N ARG A 86 2.63 9.46 -1.98
CA ARG A 86 1.28 9.56 -1.43
C ARG A 86 0.81 11.00 -1.16
N ASN A 87 1.74 11.93 -1.40
CA ASN A 87 1.60 13.39 -1.19
C ASN A 87 1.57 14.14 -2.52
N SER A 88 1.58 13.40 -3.63
CA SER A 88 1.68 13.99 -4.96
C SER A 88 0.48 13.61 -5.79
N THR A 89 0.07 14.51 -6.70
CA THR A 89 -1.02 14.18 -7.61
C THR A 89 -0.44 13.52 -8.85
N TRP A 90 -0.86 12.27 -9.08
CA TRP A 90 -0.39 11.51 -10.23
C TRP A 90 -1.25 11.88 -11.44
N GLU A 91 -0.69 11.63 -12.63
CA GLU A 91 -1.39 11.83 -13.90
C GLU A 91 -2.14 10.55 -14.30
N PHE A 92 -3.41 10.68 -14.65
CA PHE A 92 -4.17 9.56 -15.22
C PHE A 92 -3.71 9.36 -16.66
N LEU A 93 -3.07 8.23 -16.95
CA LEU A 93 -2.49 7.95 -18.27
C LEU A 93 -3.49 7.34 -19.24
N GLY A 94 -4.58 6.82 -18.71
CA GLY A 94 -5.62 6.26 -19.58
C GLY A 94 -5.91 4.82 -19.26
N GLN A 95 -6.92 4.27 -19.93
CA GLN A 95 -7.24 2.85 -19.79
C GLN A 95 -6.46 2.02 -20.79
N THR A 96 -6.17 0.78 -20.42
CA THR A 96 -5.46 -0.15 -21.30
C THR A 96 -6.25 -1.42 -21.63
N LYS A 97 -7.35 -1.64 -20.90
CA LYS A 97 -8.21 -2.78 -21.16
C LYS A 97 -9.61 -2.50 -20.60
N GLU A 98 -10.66 -3.00 -21.27
CA GLU A 98 -12.02 -2.86 -20.78
C GLU A 98 -12.40 -3.99 -19.85
N ASN A 99 -11.94 -5.20 -20.15
CA ASN A 99 -12.29 -6.38 -19.36
C ASN A 99 -11.14 -7.37 -19.23
N PRO A 100 -10.49 -7.43 -18.03
CA PRO A 100 -10.79 -6.67 -16.83
C PRO A 100 -10.43 -5.20 -16.97
N PRO A 101 -11.25 -4.30 -16.39
CA PRO A 101 -10.89 -2.88 -16.51
C PRO A 101 -9.53 -2.60 -15.88
N THR A 102 -8.69 -1.96 -16.68
CA THR A 102 -7.29 -1.75 -16.33
C THR A 102 -6.90 -0.32 -16.71
N VAL A 103 -6.25 0.40 -15.81
CA VAL A 103 -5.87 1.79 -16.04
C VAL A 103 -4.46 2.04 -15.49
N GLN A 104 -3.84 3.12 -15.96
CA GLN A 104 -2.49 3.47 -15.53
C GLN A 104 -2.43 4.91 -15.03
N PHE A 105 -1.59 5.11 -14.00
CA PHE A 105 -1.28 6.42 -13.47
C PHE A 105 0.24 6.60 -13.52
N GLY A 106 0.69 7.84 -13.71
CA GLY A 106 2.13 8.12 -13.76
C GLY A 106 2.57 9.22 -12.80
N LEU A 107 3.81 9.12 -12.37
CA LEU A 107 4.45 10.18 -11.57
C LEU A 107 5.88 10.41 -12.05
N LYS A 108 6.26 11.68 -12.10
CA LYS A 108 7.65 12.06 -12.36
C LYS A 108 7.89 13.39 -11.60
N PRO A 109 9.15 13.73 -11.31
CA PRO A 109 9.37 14.93 -10.48
C PRO A 109 8.68 16.21 -10.98
N GLU A 110 8.56 16.38 -12.30
CA GLU A 110 7.97 17.59 -12.87
C GLU A 110 6.51 17.85 -12.44
N ILE A 111 5.79 16.78 -12.06
CA ILE A 111 4.40 16.90 -11.61
C ILE A 111 4.18 16.51 -10.14
N ALA A 112 5.26 16.17 -9.43
CA ALA A 112 5.15 15.74 -8.03
C ALA A 112 5.05 16.92 -7.04
N ASN A 113 4.85 16.60 -5.77
CA ASN A 113 4.79 17.58 -4.70
C ASN A 113 6.04 18.47 -4.79
N PRO A 114 5.87 19.79 -5.08
CA PRO A 114 7.03 20.67 -5.29
C PRO A 114 7.99 20.75 -4.11
N GLU A 115 7.44 20.89 -2.92
CA GLU A 115 8.24 21.02 -1.70
C GLU A 115 9.11 19.79 -1.46
N LEU A 116 8.49 18.61 -1.58
CA LEU A 116 9.18 17.36 -1.32
C LEU A 116 10.16 17.01 -2.45
N THR A 117 9.82 17.43 -3.67
CA THR A 117 10.71 17.26 -4.82
C THR A 117 11.99 18.08 -4.64
N LYS A 118 11.85 19.30 -4.11
CA LYS A 118 13.01 20.14 -3.81
C LYS A 118 13.93 19.46 -2.78
N LEU A 119 13.33 18.77 -1.81
CA LEU A 119 14.10 18.07 -0.77
C LEU A 119 14.79 16.80 -1.29
N TRP A 120 14.14 16.10 -2.21
CA TRP A 120 14.67 14.87 -2.78
C TRP A 120 14.59 14.98 -4.31
N PRO A 121 15.52 15.74 -4.91
CA PRO A 121 15.47 16.04 -6.34
C PRO A 121 16.04 14.93 -7.24
N MET A 122 15.66 13.67 -7.00
CA MET A 122 16.13 12.55 -7.81
C MET A 122 15.16 12.26 -8.94
N ASP A 123 15.70 11.81 -10.06
CA ASP A 123 14.87 11.60 -11.24
C ASP A 123 14.30 10.18 -11.21
N TYR A 124 13.04 10.06 -11.63
CA TYR A 124 12.37 8.75 -11.70
C TYR A 124 11.15 8.90 -12.60
N LEU A 125 10.60 7.75 -13.01
CA LEU A 125 9.27 7.69 -13.62
C LEU A 125 8.58 6.52 -12.94
N LEU A 126 7.40 6.78 -12.38
CA LEU A 126 6.56 5.69 -11.80
C LEU A 126 5.36 5.46 -12.69
N ILE A 127 5.02 4.19 -12.91
CA ILE A 127 3.76 3.81 -13.58
C ILE A 127 3.04 2.79 -12.70
N LEU A 128 1.85 3.18 -12.24
CA LEU A 128 0.97 2.27 -11.47
C LEU A 128 -0.10 1.75 -12.42
N THR A 129 -0.27 0.44 -12.42
CA THR A 129 -1.31 -0.20 -13.22
C THR A 129 -2.29 -0.86 -12.26
N VAL A 130 -3.56 -0.50 -12.39
CA VAL A 130 -4.61 -1.03 -11.50
C VAL A 130 -5.57 -1.84 -12.36
N GLU A 131 -5.79 -3.09 -11.98
CA GLU A 131 -6.60 -4.05 -12.74
C GLU A 131 -7.66 -4.58 -11.79
N LEU A 132 -8.92 -4.39 -12.18
CA LEU A 132 -10.05 -4.86 -11.36
C LEU A 132 -10.57 -6.14 -11.97
N GLY A 133 -10.32 -7.28 -11.32
CA GLY A 133 -10.90 -8.56 -11.77
C GLY A 133 -12.27 -8.80 -11.18
N SER A 134 -12.92 -9.90 -11.56
CA SER A 134 -14.22 -10.22 -10.99
C SER A 134 -14.11 -10.50 -9.50
N ASP A 135 -12.94 -10.99 -9.07
CA ASP A 135 -12.76 -11.44 -7.68
C ASP A 135 -11.36 -11.12 -7.15
N TYR A 136 -10.70 -10.15 -7.76
CA TYR A 136 -9.38 -9.71 -7.27
C TYR A 136 -9.15 -8.25 -7.63
N LEU A 137 -8.15 -7.66 -6.98
CA LEU A 137 -7.67 -6.32 -7.31
C LEU A 137 -6.15 -6.42 -7.38
N LYS A 138 -5.58 -6.04 -8.54
CA LYS A 138 -4.13 -6.07 -8.71
C LYS A 138 -3.62 -4.66 -8.88
N THR A 139 -2.62 -4.30 -8.08
CA THR A 139 -1.99 -2.99 -8.20
C THR A 139 -0.52 -3.25 -8.47
N ALA A 140 -0.09 -2.89 -9.69
CA ALA A 140 1.29 -3.15 -10.12
C ALA A 140 2.07 -1.84 -10.25
N ILE A 141 3.36 -1.88 -9.92
CA ILE A 141 4.20 -0.69 -10.04
C ILE A 141 5.43 -0.98 -10.89
N GLU A 142 5.79 -0.01 -11.74
CA GLU A 142 7.07 -0.04 -12.40
C GLU A 142 7.79 1.25 -12.08
N VAL A 143 9.06 1.14 -11.71
CA VAL A 143 9.89 2.31 -11.44
C VAL A 143 11.02 2.31 -12.49
N GLU A 144 11.21 3.42 -13.19
CA GLU A 144 12.32 3.57 -14.14
C GLU A 144 13.28 4.66 -13.65
N ASN A 145 14.57 4.34 -13.66
CA ASN A 145 15.60 5.35 -13.37
C ASN A 145 15.89 6.12 -14.65
N THR A 146 15.27 7.29 -14.77
CA THR A 146 15.33 8.12 -15.98
C THR A 146 16.58 9.02 -15.99
N SER A 147 17.41 8.94 -14.95
CA SER A 147 18.72 9.62 -14.97
C SER A 147 19.67 8.92 -15.94
N SER A 148 20.50 9.73 -16.63
CA SER A 148 21.58 9.18 -17.45
C SER A 148 22.85 8.91 -16.64
N SER A 149 22.92 9.44 -15.42
CA SER A 149 24.18 9.43 -14.66
C SER A 149 24.14 8.91 -13.23
N LYS A 150 23.00 9.10 -12.54
CA LYS A 150 22.92 8.77 -11.11
C LYS A 150 22.13 7.48 -10.87
N GLU A 151 22.58 6.71 -9.88
CA GLU A 151 21.84 5.56 -9.38
C GLU A 151 20.61 6.08 -8.65
N LEU A 152 19.53 5.30 -8.66
CA LEU A 152 18.31 5.65 -7.96
C LEU A 152 18.09 4.64 -6.82
N LYS A 153 18.03 5.17 -5.60
CA LYS A 153 17.99 4.36 -4.37
C LYS A 153 16.63 4.57 -3.70
N PHE A 154 15.89 3.48 -3.48
CA PHE A 154 14.51 3.62 -2.97
C PHE A 154 13.95 2.36 -2.31
N ASN A 155 12.97 2.58 -1.45
CA ASN A 155 12.01 1.55 -1.00
C ASN A 155 10.71 1.69 -1.79
N TRP A 156 9.93 0.61 -1.82
CA TRP A 156 8.56 0.66 -2.34
C TRP A 156 7.69 -0.17 -1.40
N LEU A 157 6.52 0.35 -1.04
CA LEU A 157 5.55 -0.45 -0.26
C LEU A 157 4.13 -0.01 -0.56
N PHE A 158 3.21 -0.99 -0.61
CA PHE A 158 1.78 -0.72 -0.68
C PHE A 158 1.23 -0.80 0.74
N HIS A 159 0.70 0.32 1.25
CA HIS A 159 0.27 0.40 2.66
C HIS A 159 -1.18 -0.04 2.85
N THR A 160 -1.48 -1.30 2.52
CA THR A 160 -2.86 -1.75 2.36
C THR A 160 -3.60 -1.86 3.69
N TYR A 161 -4.72 -1.14 3.79
CA TYR A 161 -5.63 -1.25 4.95
C TYR A 161 -6.77 -2.20 4.60
N PHE A 162 -6.67 -3.46 5.04
CA PHE A 162 -7.80 -4.41 4.89
C PHE A 162 -8.89 -4.10 5.89
N ARG A 163 -10.14 -4.18 5.42
CA ARG A 163 -11.29 -4.03 6.31
C ARG A 163 -11.69 -5.38 6.88
N ILE A 164 -11.93 -5.40 8.17
CA ILE A 164 -12.31 -6.61 8.86
C ILE A 164 -13.49 -6.25 9.79
N GLU A 165 -14.14 -7.27 10.33
CA GLU A 165 -15.25 -7.07 11.27
C GLU A 165 -14.79 -6.79 12.71
N ASP A 166 -13.83 -7.56 13.20
CA ASP A 166 -13.37 -7.39 14.58
C ASP A 166 -11.95 -7.89 14.79
N ILE A 167 -11.04 -6.96 15.12
CA ILE A 167 -9.61 -7.27 15.22
C ILE A 167 -9.32 -8.38 16.24
N GLU A 168 -10.03 -8.36 17.35
CA GLU A 168 -9.70 -9.34 18.38
C GLU A 168 -10.15 -10.77 18.01
N GLY A 169 -11.03 -10.90 17.02
CA GLY A 169 -11.42 -12.21 16.48
C GLY A 169 -10.66 -12.65 15.22
N THR A 170 -9.71 -11.82 14.79
CA THR A 170 -9.00 -12.01 13.53
C THR A 170 -7.64 -12.70 13.73
N MET A 171 -7.29 -13.57 12.79
CA MET A 171 -5.94 -14.13 12.75
C MET A 171 -5.37 -14.10 11.34
N VAL A 172 -4.04 -14.05 11.26
CA VAL A 172 -3.35 -13.98 9.98
C VAL A 172 -2.49 -15.24 9.87
N SER A 173 -2.69 -15.98 8.79
CA SER A 173 -2.02 -17.25 8.62
C SER A 173 -0.98 -17.23 7.52
N ASN A 174 -0.02 -18.16 7.63
CA ASN A 174 1.04 -18.38 6.64
C ASN A 174 2.26 -17.49 6.82
N LEU A 175 2.40 -16.94 8.03
CA LEU A 175 3.63 -16.26 8.42
C LEU A 175 4.41 -17.00 9.52
N ALA A 176 3.86 -18.12 10.00
CA ALA A 176 4.53 -18.92 11.04
C ALA A 176 5.96 -19.29 10.63
N GLY A 177 6.90 -19.07 11.55
CA GLY A 177 8.30 -19.47 11.34
C GLY A 177 9.14 -18.49 10.55
N MET A 178 8.54 -17.38 10.14
CA MET A 178 9.29 -16.35 9.39
C MET A 178 9.97 -15.36 10.34
N LYS A 179 11.10 -14.81 9.89
CA LYS A 179 11.79 -13.78 10.67
C LYS A 179 11.09 -12.44 10.52
N LEU A 180 11.01 -11.70 11.62
CA LEU A 180 10.49 -10.33 11.55
C LEU A 180 11.40 -9.38 12.34
N TYR A 181 11.29 -8.09 12.00
CA TYR A 181 11.82 -7.03 12.85
C TYR A 181 10.63 -6.34 13.52
N ASP A 182 10.70 -6.20 14.84
CA ASP A 182 9.59 -5.65 15.60
C ASP A 182 9.92 -4.19 15.86
N GLN A 183 9.13 -3.31 15.23
CA GLN A 183 9.32 -1.87 15.28
C GLN A 183 9.04 -1.29 16.66
N LEU A 184 8.30 -2.03 17.48
CA LEU A 184 8.00 -1.56 18.84
C LEU A 184 9.10 -1.99 19.80
N LEU A 185 9.45 -3.28 19.78
CA LEU A 185 10.48 -3.81 20.68
C LEU A 185 11.92 -3.53 20.22
N LYS A 186 12.08 -3.09 18.98
CA LYS A 186 13.41 -2.80 18.41
C LYS A 186 14.34 -4.02 18.45
N GLU A 187 13.81 -5.16 18.04
CA GLU A 187 14.57 -6.42 17.97
C GLU A 187 13.97 -7.30 16.88
N SER A 188 14.81 -8.21 16.39
CA SER A 188 14.40 -9.19 15.39
C SER A 188 14.27 -10.56 16.01
N TYR A 189 13.29 -11.32 15.57
CA TYR A 189 13.08 -12.67 16.06
C TYR A 189 12.21 -13.46 15.08
N VAL A 190 12.20 -14.77 15.26
CA VAL A 190 11.37 -15.67 14.45
C VAL A 190 9.96 -15.73 15.07
N ASP A 191 8.94 -15.59 14.24
CA ASP A 191 7.57 -15.71 14.75
C ASP A 191 7.28 -17.19 15.04
N LYS A 192 7.22 -17.52 16.32
CA LYS A 192 6.97 -18.90 16.71
C LYS A 192 5.49 -19.24 16.91
N HIS A 193 4.60 -18.28 16.68
CA HIS A 193 3.15 -18.54 16.79
C HIS A 193 2.63 -19.19 15.51
N PRO A 194 1.67 -20.13 15.61
CA PRO A 194 1.14 -20.77 14.40
C PRO A 194 0.28 -19.85 13.52
N VAL A 195 -0.31 -18.84 14.14
CA VAL A 195 -1.02 -17.75 13.45
C VAL A 195 -0.72 -16.44 14.18
N VAL A 196 -0.91 -15.32 13.49
CA VAL A 196 -0.76 -14.01 14.14
C VAL A 196 -2.10 -13.57 14.72
N THR A 197 -2.11 -13.20 15.99
CA THR A 197 -3.32 -12.65 16.61
C THR A 197 -3.02 -11.26 17.18
N PHE A 198 -4.07 -10.53 17.55
CA PHE A 198 -3.93 -9.11 17.88
C PHE A 198 -4.64 -8.74 19.17
N ASN A 199 -3.88 -8.22 20.13
CA ASN A 199 -4.50 -7.71 21.36
C ASN A 199 -3.85 -6.44 21.92
N GLN A 200 -3.01 -5.81 21.09
CA GLN A 200 -2.29 -4.62 21.45
C GLN A 200 -1.70 -4.05 20.16
N GLU A 201 -1.13 -2.84 20.26
CA GLU A 201 -0.42 -2.23 19.14
C GLU A 201 0.57 -3.24 18.57
N THR A 202 0.60 -3.33 17.23
CA THR A 202 1.42 -4.31 16.53
C THR A 202 2.07 -3.55 15.38
N ASP A 203 3.38 -3.71 15.24
CA ASP A 203 4.11 -3.02 14.18
C ASP A 203 5.36 -3.84 13.88
N VAL A 204 5.24 -4.77 12.94
CA VAL A 204 6.32 -5.72 12.68
C VAL A 204 6.60 -5.81 11.19
N ILE A 205 7.84 -6.17 10.84
CA ILE A 205 8.21 -6.28 9.42
C ILE A 205 8.69 -7.70 9.16
N TYR A 206 7.88 -8.54 8.54
CA TYR A 206 8.31 -9.88 8.12
C TYR A 206 9.21 -9.81 6.90
N GLN A 207 10.11 -10.79 6.79
CA GLN A 207 11.09 -10.81 5.70
C GLN A 207 10.99 -12.10 4.88
N ASN A 208 11.51 -12.05 3.64
CA ASN A 208 11.64 -13.25 2.78
C ASN A 208 10.31 -13.93 2.43
N VAL A 209 9.32 -13.12 2.10
CA VAL A 209 8.03 -13.63 1.60
C VAL A 209 8.05 -13.65 0.06
N SER A 210 7.94 -14.84 -0.52
CA SER A 210 8.01 -14.98 -1.98
C SER A 210 6.64 -14.94 -2.65
N ALA A 211 6.66 -14.96 -3.99
CA ALA A 211 5.44 -15.03 -4.79
C ALA A 211 4.59 -16.28 -4.48
N GLU A 212 5.22 -17.28 -3.89
CA GLU A 212 4.54 -18.56 -3.62
C GLU A 212 3.77 -18.57 -2.30
N ARG A 213 4.01 -17.58 -1.46
CA ARG A 213 3.46 -17.57 -0.11
C ARG A 213 2.28 -16.61 -0.02
N ALA A 214 1.07 -17.15 -0.01
CA ALA A 214 -0.15 -16.32 0.14
C ALA A 214 -0.43 -16.13 1.61
N ILE A 215 -0.77 -14.92 2.00
CA ILE A 215 -1.11 -14.64 3.39
C ILE A 215 -2.63 -14.54 3.48
N GLN A 216 -3.22 -15.18 4.49
CA GLN A 216 -4.67 -15.20 4.62
C GLN A 216 -5.10 -14.48 5.87
N ILE A 217 -6.19 -13.73 5.77
CA ILE A 217 -6.81 -13.11 6.95
C ILE A 217 -8.06 -13.93 7.23
N VAL A 218 -8.16 -14.41 8.47
CA VAL A 218 -9.19 -15.36 8.86
C VAL A 218 -10.06 -14.80 9.98
N ASP A 219 -11.38 -14.99 9.84
CA ASP A 219 -12.33 -14.63 10.89
C ASP A 219 -13.44 -15.68 10.92
N LYS A 220 -13.71 -16.20 12.12
CA LYS A 220 -14.69 -17.28 12.32
C LYS A 220 -14.48 -18.43 11.31
N GLY A 221 -13.23 -18.87 11.19
CA GLY A 221 -12.87 -20.00 10.30
C GLY A 221 -13.08 -19.77 8.81
N VAL A 222 -13.33 -18.52 8.42
CA VAL A 222 -13.52 -18.14 7.02
C VAL A 222 -12.34 -17.26 6.60
N GLN A 223 -11.74 -17.56 5.45
CA GLN A 223 -10.75 -16.68 4.82
C GLN A 223 -11.43 -15.46 4.19
N ILE A 224 -11.32 -14.32 4.86
CA ILE A 224 -11.97 -13.11 4.38
C ILE A 224 -11.07 -12.29 3.44
N HIS A 225 -9.75 -12.49 3.49
CA HIS A 225 -8.85 -11.86 2.52
C HIS A 225 -7.66 -12.74 2.22
N THR A 226 -7.15 -12.64 0.98
CA THR A 226 -5.91 -13.31 0.60
C THR A 226 -5.00 -12.29 -0.05
N LEU A 227 -3.74 -12.22 0.39
CA LEU A 227 -2.75 -11.31 -0.18
C LEU A 227 -1.63 -12.08 -0.85
N LYS A 228 -1.41 -11.80 -2.13
CA LYS A 228 -0.26 -12.35 -2.86
C LYS A 228 0.55 -11.17 -3.37
N ARG A 229 1.81 -11.42 -3.66
CA ARG A 229 2.68 -10.37 -4.25
C ARG A 229 3.75 -10.95 -5.17
N TYR A 230 4.35 -10.07 -5.96
CA TYR A 230 5.51 -10.39 -6.78
C TYR A 230 6.57 -9.32 -6.49
N ASN A 231 7.76 -9.79 -6.17
CA ASN A 231 8.97 -8.96 -6.06
C ASN A 231 8.90 -7.95 -4.90
N LEU A 232 8.20 -8.34 -3.84
CA LEU A 232 8.14 -7.50 -2.62
C LEU A 232 8.36 -8.45 -1.44
N PRO A 233 9.61 -8.60 -1.00
CA PRO A 233 9.91 -9.68 -0.07
C PRO A 233 9.48 -9.41 1.39
N ASP A 234 9.18 -8.16 1.69
CA ASP A 234 8.81 -7.77 3.05
C ASP A 234 7.31 -7.61 3.22
N THR A 235 6.83 -7.78 4.46
CA THR A 235 5.42 -7.56 4.79
C THR A 235 5.31 -6.89 6.13
N VAL A 236 4.86 -5.64 6.12
CA VAL A 236 4.60 -4.91 7.38
C VAL A 236 3.22 -5.28 7.86
N VAL A 237 3.12 -5.65 9.13
CA VAL A 237 1.81 -5.91 9.75
C VAL A 237 1.61 -4.89 10.86
N TRP A 238 0.56 -4.10 10.74
CA TRP A 238 0.39 -2.94 11.62
C TRP A 238 -1.05 -2.75 12.05
N ASN A 239 -1.24 -2.50 13.35
CA ASN A 239 -2.51 -2.02 13.87
C ASN A 239 -2.15 -1.04 14.99
N PRO A 240 -2.67 0.20 14.92
CA PRO A 240 -2.24 1.23 15.88
C PRO A 240 -2.77 1.00 17.30
N TRP A 241 -3.85 0.23 17.39
CA TRP A 241 -4.58 0.03 18.67
C TRP A 241 -5.13 1.34 19.24
N ILE A 242 -5.49 1.34 20.53
CA ILE A 242 -6.29 2.42 21.12
C ILE A 242 -5.61 3.79 21.17
N GLU A 243 -4.44 3.84 21.81
CA GLU A 243 -3.81 5.14 22.10
C GLU A 243 -3.35 5.85 20.82
N LYS A 244 -2.74 5.10 19.90
CA LYS A 244 -2.23 5.71 18.67
C LYS A 244 -3.37 6.17 17.74
N SER A 245 -4.45 5.40 17.69
CA SER A 245 -5.69 5.79 16.99
C SER A 245 -6.20 7.12 17.56
N GLN A 246 -6.28 7.20 18.89
CA GLN A 246 -6.80 8.38 19.57
C GLN A 246 -5.97 9.61 19.20
N GLY A 247 -4.66 9.43 19.06
CA GLY A 247 -3.73 10.50 18.70
C GLY A 247 -3.72 10.95 17.24
N MET A 248 -4.27 10.15 16.32
CA MET A 248 -4.27 10.53 14.90
C MET A 248 -5.53 11.32 14.55
N ALA A 249 -5.36 12.61 14.21
CA ALA A 249 -6.51 13.50 14.04
C ALA A 249 -7.46 13.06 12.92
N ASP A 250 -6.89 12.48 11.86
CA ASP A 250 -7.71 12.05 10.72
C ASP A 250 -8.17 10.60 10.83
N PHE A 251 -8.01 9.99 12.01
CA PHE A 251 -8.45 8.62 12.24
C PHE A 251 -9.74 8.65 13.04
N GLU A 252 -10.82 8.26 12.37
CA GLU A 252 -12.15 8.17 12.98
C GLU A 252 -12.95 6.99 12.37
N PRO A 253 -13.82 6.36 13.18
CA PRO A 253 -14.01 6.59 14.63
C PRO A 253 -12.82 6.06 15.42
N LYS A 254 -12.73 6.43 16.70
CA LYS A 254 -11.56 6.02 17.49
C LYS A 254 -11.53 4.52 17.78
N THR A 255 -12.67 3.85 17.65
CA THR A 255 -12.72 2.38 17.78
C THR A 255 -12.42 1.69 16.44
N GLY A 256 -12.13 2.49 15.42
CA GLY A 256 -11.94 1.99 14.05
C GLY A 256 -10.73 1.09 13.83
N TYR A 257 -9.77 1.13 14.75
CA TYR A 257 -8.67 0.13 14.73
C TYR A 257 -9.24 -1.31 14.80
N GLN A 258 -10.46 -1.45 15.34
CA GLN A 258 -11.09 -2.76 15.43
C GLN A 258 -11.55 -3.31 14.07
N GLN A 259 -11.60 -2.43 13.07
CA GLN A 259 -12.12 -2.82 11.76
C GLN A 259 -11.07 -2.77 10.66
N MET A 260 -9.80 -2.63 11.05
CA MET A 260 -8.71 -2.65 10.07
C MET A 260 -7.55 -3.55 10.51
N ILE A 261 -6.85 -4.10 9.54
CA ILE A 261 -5.50 -4.61 9.74
C ILE A 261 -4.70 -4.24 8.49
N CYS A 262 -3.54 -3.63 8.70
CA CYS A 262 -2.64 -3.33 7.59
C CYS A 262 -1.69 -4.49 7.41
N ILE A 263 -1.72 -5.07 6.20
CA ILE A 263 -0.77 -6.11 5.78
C ILE A 263 -0.17 -5.55 4.50
N GLU A 264 1.09 -5.13 4.59
CA GLU A 264 1.69 -4.21 3.60
C GLU A 264 2.89 -4.85 2.88
N PRO A 265 2.70 -5.34 1.65
CA PRO A 265 3.85 -5.91 0.95
C PRO A 265 4.78 -4.81 0.45
N GLY A 266 6.07 -5.02 0.56
CA GLY A 266 7.01 -4.02 0.09
C GLY A 266 8.45 -4.51 0.02
N HIS A 267 9.30 -3.59 -0.38
CA HIS A 267 10.74 -3.82 -0.36
C HIS A 267 11.31 -2.72 0.53
N VAL A 268 11.48 -3.06 1.80
CA VAL A 268 11.82 -2.05 2.81
C VAL A 268 12.96 -2.46 3.76
N HIS A 269 13.32 -3.74 3.75
CA HIS A 269 14.41 -4.23 4.62
C HIS A 269 15.74 -3.60 4.25
N ASP A 270 15.88 -3.25 2.96
CA ASP A 270 17.02 -2.50 2.45
C ASP A 270 16.56 -1.71 1.22
N PHE A 271 17.44 -0.92 0.63
CA PHE A 271 17.08 -0.12 -0.54
C PHE A 271 17.37 -0.86 -1.84
N ILE A 272 16.48 -0.70 -2.82
CA ILE A 272 16.76 -1.09 -4.18
C ILE A 272 17.64 -0.01 -4.80
N SER A 273 18.69 -0.42 -5.51
CA SER A 273 19.50 0.54 -6.29
C SER A 273 19.39 0.23 -7.79
N LEU A 274 18.94 1.21 -8.55
CA LEU A 274 18.69 1.03 -9.96
C LEU A 274 19.72 1.86 -10.71
N ALA A 275 20.49 1.21 -11.58
CA ALA A 275 21.45 1.91 -12.44
C ALA A 275 20.72 2.80 -13.46
N PRO A 276 21.43 3.80 -14.03
CA PRO A 276 20.76 4.65 -15.03
C PRO A 276 20.07 3.84 -16.14
N GLY A 277 18.83 4.23 -16.43
CA GLY A 277 18.02 3.62 -17.49
C GLY A 277 17.35 2.29 -17.15
N LYS A 278 17.67 1.75 -15.97
CA LYS A 278 17.13 0.45 -15.56
C LYS A 278 15.75 0.59 -14.91
N LYS A 279 15.01 -0.51 -14.93
CA LYS A 279 13.64 -0.58 -14.43
C LYS A 279 13.52 -1.67 -13.37
N TRP A 280 12.58 -1.46 -12.45
CA TRP A 280 12.21 -2.45 -11.44
C TRP A 280 10.68 -2.52 -11.45
N ASN A 281 10.12 -3.72 -11.29
CA ASN A 281 8.64 -3.82 -11.17
C ASN A 281 8.20 -4.86 -10.16
N ALA A 282 6.95 -4.72 -9.72
CA ALA A 282 6.41 -5.58 -8.67
C ALA A 282 4.89 -5.43 -8.68
N TYR A 283 4.21 -6.25 -7.88
CA TYR A 283 2.78 -6.01 -7.68
C TYR A 283 2.26 -6.63 -6.40
N GLN A 284 1.09 -6.15 -5.99
CA GLN A 284 0.27 -6.73 -4.96
C GLN A 284 -1.00 -7.26 -5.65
N LEU A 285 -1.46 -8.42 -5.21
CA LEU A 285 -2.68 -9.04 -5.76
C LEU A 285 -3.56 -9.43 -4.57
N LEU A 286 -4.73 -8.78 -4.49
CA LEU A 286 -5.67 -9.03 -3.40
C LEU A 286 -6.81 -9.89 -3.92
N LYS A 288 -9.99 -13.18 -2.57
CA LYS A 288 -10.78 -13.75 -1.49
C LYS A 288 -10.92 -15.27 -1.68
N GLU A 289 -9.83 -16.01 -1.54
CA GLU A 289 -9.84 -17.46 -1.78
C GLU A 289 -10.65 -18.18 -0.71
#